data_6T56
#
_entry.id   6T56
#
_cell.length_a   70.553
_cell.length_b   71.037
_cell.length_c   72.806
_cell.angle_alpha   90.000
_cell.angle_beta   100.482
_cell.angle_gamma   90.000
#
_symmetry.space_group_name_H-M   'C 1 2 1'
#
loop_
_entity.id
_entity.type
_entity.pdbx_description
1 polymer Prothrombin
2 polymer Prothrombin
3 polymer 'Hirudin variant-2'
4 non-polymer 'SODIUM ION'
5 non-polymer BENZYLAMINE
6 non-polymer GLYCEROL
7 non-polymer 'PHOSPHATE ION'
8 non-polymer 2-acetamido-2-deoxy-beta-D-glucopyranose
9 water water
#
loop_
_entity_poly.entity_id
_entity_poly.type
_entity_poly.pdbx_seq_one_letter_code
_entity_poly.pdbx_strand_id
1 'polypeptide(L)' TFGSGEADCGLRPLFEKKSLEDKTERELLESYIDGR L
2 'polypeptide(L)'
;IVEGSDAEIGMSPWQVMLFRKSPQELLCGASLISDRWVLTAAHCLLYPPWDKNFTENDLLVRIGKHSRTRYERNIEKISM
LEKIYIHPRYNWRENLDRDIALMKLKKPVAFSDYIHPVCLPDRETAASLLQAGYKGRVTGWGNLKETWTANVGKGQPSVL
QVVNLPIVERPVCKDSTRIRITDNMFCAGYKPDEGKRGDACEGDSGGPFVMKSPFNNRWYQMGIVSWGEGCDRDGKYGFY
THVFRLKKWIQKVIDQFGE
;
H
3 'polypeptide(L)' DFEEIPEE(TYS)LQ I
#
# COMPACT_ATOMS: atom_id res chain seq x y z
N GLU A 6 -0.51 -15.26 -8.06
CA GLU A 6 -1.24 -15.64 -9.30
C GLU A 6 -0.34 -15.56 -10.53
N ALA A 7 -0.55 -16.48 -11.47
CA ALA A 7 0.17 -16.42 -12.73
C ALA A 7 0.01 -15.06 -13.41
N ASP A 8 -1.12 -14.40 -13.16
CA ASP A 8 -1.47 -13.14 -13.79
C ASP A 8 -1.20 -11.92 -12.91
N CYS A 9 -0.52 -12.11 -11.79
CA CYS A 9 -0.37 -11.00 -10.87
C CYS A 9 0.36 -9.84 -11.52
N GLY A 10 0.00 -8.63 -11.10
CA GLY A 10 0.78 -7.46 -11.47
C GLY A 10 0.58 -6.97 -12.89
N LEU A 11 -0.36 -7.55 -13.63
CA LEU A 11 -0.67 -7.15 -15.00
C LEU A 11 -2.06 -6.56 -14.98
N ARG A 12 -2.16 -5.24 -15.14
CA ARG A 12 -3.43 -4.56 -14.93
C ARG A 12 -4.34 -4.73 -16.15
N PRO A 13 -5.61 -5.08 -15.94
CA PRO A 13 -6.54 -5.22 -17.07
C PRO A 13 -6.58 -4.01 -17.99
N LEU A 14 -6.57 -2.80 -17.44
CA LEU A 14 -6.75 -1.60 -18.25
C LEU A 14 -5.44 -1.00 -18.74
N PHE A 15 -4.30 -1.63 -18.41
CA PHE A 15 -3.00 -1.12 -18.83
C PHE A 15 -2.19 -2.24 -19.48
N GLU A 16 -1.41 -3.00 -18.73
CA GLU A 16 -0.56 -4.02 -19.33
C GLU A 16 -1.33 -4.99 -20.20
N LYS A 17 -2.53 -5.41 -19.79
N LYS A 17 -2.52 -5.42 -19.77
CA LYS A 17 -3.23 -6.43 -20.56
CA LYS A 17 -3.28 -6.41 -20.53
C LYS A 17 -3.75 -5.90 -21.89
C LYS A 17 -3.62 -5.90 -21.92
N LYS A 18 -3.79 -4.58 -22.08
CA LYS A 18 -4.17 -3.97 -23.34
C LYS A 18 -3.01 -3.24 -24.00
N SER A 19 -1.81 -3.37 -23.46
CA SER A 19 -0.65 -2.61 -23.92
C SER A 19 -0.93 -1.11 -23.95
N LEU A 20 -1.54 -0.61 -22.88
CA LEU A 20 -1.70 0.82 -22.64
C LEU A 20 -0.85 1.23 -21.44
N GLU A 21 -0.23 2.40 -21.54
CA GLU A 21 0.66 2.93 -20.52
C GLU A 21 -0.06 3.98 -19.68
N ASP A 22 0.17 3.98 -18.38
CA ASP A 22 -0.39 5.03 -17.53
C ASP A 22 0.47 6.29 -17.65
N LYS A 23 -0.02 7.38 -17.08
CA LYS A 23 0.58 8.69 -17.35
C LYS A 23 1.94 8.90 -16.71
N THR A 24 2.31 8.11 -15.69
CA THR A 24 3.58 8.35 -15.01
C THR A 24 4.48 7.13 -14.86
N GLU A 25 4.12 5.98 -15.41
CA GLU A 25 4.99 4.82 -15.24
C GLU A 25 6.35 5.02 -15.89
N ARG A 26 6.43 5.85 -16.94
CA ARG A 26 7.72 6.12 -17.55
C ARG A 26 8.70 6.75 -16.56
N GLU A 27 8.20 7.56 -15.62
CA GLU A 27 9.06 8.14 -14.60
C GLU A 27 9.74 7.06 -13.78
N LEU A 28 9.01 5.98 -13.48
CA LEU A 28 9.61 4.85 -12.78
C LEU A 28 10.68 4.19 -13.64
N LEU A 29 10.34 3.88 -14.89
CA LEU A 29 11.30 3.22 -15.76
C LEU A 29 12.59 4.02 -15.87
N GLU A 30 12.48 5.34 -16.01
CA GLU A 30 13.67 6.17 -16.19
C GLU A 30 14.56 6.16 -14.97
N SER A 31 14.02 5.87 -13.79
CA SER A 31 14.82 5.80 -12.58
C SER A 31 15.54 4.46 -12.44
N TYR A 32 15.20 3.46 -13.26
CA TYR A 32 15.77 2.11 -13.12
C TYR A 32 16.99 2.04 -14.03
N ILE A 33 18.13 2.48 -13.49
CA ILE A 33 19.32 2.70 -14.32
C ILE A 33 20.11 1.44 -14.67
N ASP A 34 19.92 0.32 -13.96
CA ASP A 34 20.76 -0.86 -14.15
C ASP A 34 20.13 -1.89 -15.07
N GLY A 35 20.98 -2.65 -15.75
CA GLY A 35 20.52 -3.68 -16.67
C GLY A 35 20.13 -3.17 -18.04
N ILE B 1 -2.27 11.23 0.67
CA ILE B 1 -1.11 11.45 -0.17
C ILE B 1 -0.91 12.94 -0.35
N VAL B 2 0.29 13.44 -0.04
CA VAL B 2 0.63 14.84 -0.19
C VAL B 2 1.36 15.02 -1.52
N GLU B 3 0.92 16.01 -2.30
CA GLU B 3 1.60 16.39 -3.53
C GLU B 3 1.57 15.28 -4.58
N GLY B 4 0.50 14.49 -4.58
CA GLY B 4 0.24 13.52 -5.63
C GLY B 4 -0.79 14.04 -6.61
N SER B 5 -1.38 13.12 -7.37
CA SER B 5 -2.39 13.45 -8.34
C SER B 5 -3.48 12.39 -8.32
N ASP B 6 -4.59 12.67 -8.98
CA ASP B 6 -5.65 11.68 -9.09
C ASP B 6 -5.16 10.47 -9.86
N ALA B 7 -5.48 9.29 -9.34
CA ALA B 7 -5.20 8.08 -10.09
C ALA B 7 -6.07 8.01 -11.34
N GLU B 8 -5.56 7.31 -12.35
CA GLU B 8 -6.38 6.92 -13.49
C GLU B 8 -7.25 5.74 -13.11
N ILE B 9 -8.36 5.58 -13.83
CA ILE B 9 -9.23 4.43 -13.60
C ILE B 9 -8.45 3.14 -13.85
N GLY B 10 -8.53 2.22 -12.89
CA GLY B 10 -7.84 0.96 -13.04
C GLY B 10 -6.33 1.00 -12.87
N MET B 11 -5.79 2.13 -12.40
CA MET B 11 -4.34 2.28 -12.32
C MET B 11 -3.73 1.43 -11.22
N SER B 12 -4.50 1.15 -10.17
N SER B 12 -4.47 1.19 -10.14
CA SER B 12 -4.00 0.45 -8.97
CA SER B 12 -3.99 0.43 -8.98
C SER B 12 -5.06 -0.57 -8.56
C SER B 12 -5.10 -0.54 -8.58
N PRO B 13 -5.33 -1.58 -9.39
CA PRO B 13 -6.49 -2.45 -9.16
C PRO B 13 -6.34 -3.37 -7.97
N TRP B 14 -5.14 -3.41 -7.38
CA TRP B 14 -4.90 -4.10 -6.13
C TRP B 14 -5.16 -3.22 -4.91
N GLN B 15 -5.51 -1.95 -5.07
N GLN B 15 -5.52 -1.96 -5.10
CA GLN B 15 -5.66 -1.09 -3.91
CA GLN B 15 -5.79 -1.09 -3.96
C GLN B 15 -6.94 -1.44 -3.15
C GLN B 15 -6.93 -1.66 -3.14
N VAL B 16 -6.80 -1.57 -1.83
CA VAL B 16 -7.88 -1.95 -0.94
C VAL B 16 -8.05 -0.86 0.11
N MET B 17 -9.31 -0.57 0.46
CA MET B 17 -9.65 0.32 1.56
C MET B 17 -10.08 -0.52 2.75
N LEU B 18 -9.41 -0.32 3.89
CA LEU B 18 -9.83 -0.88 5.17
C LEU B 18 -10.85 0.09 5.76
N PHE B 19 -12.03 -0.40 6.06
CA PHE B 19 -13.19 0.43 6.36
C PHE B 19 -13.77 -0.01 7.70
N ARG B 20 -13.91 0.93 8.63
N ARG B 20 -13.89 0.93 8.64
CA ARG B 20 -14.53 0.63 9.90
CA ARG B 20 -14.53 0.63 9.91
C ARG B 20 -16.05 0.63 9.74
C ARG B 20 -16.04 0.62 9.73
N LYS B 21 -16.69 -0.36 10.35
CA LYS B 21 -18.15 -0.49 10.20
C LYS B 21 -18.88 0.60 10.97
N SER B 22 -18.47 0.87 12.20
CA SER B 22 -19.23 1.78 13.06
C SER B 22 -18.26 2.50 14.00
N PRO B 23 -18.06 3.82 13.85
CA PRO B 23 -18.59 4.68 12.78
C PRO B 23 -17.99 4.32 11.42
N GLN B 24 -18.76 4.46 10.36
CA GLN B 24 -18.24 4.18 9.02
C GLN B 24 -17.15 5.19 8.68
N GLU B 25 -15.92 4.71 8.49
CA GLU B 25 -14.80 5.61 8.21
C GLU B 25 -13.64 4.84 7.61
N LEU B 26 -12.78 5.59 6.93
CA LEU B 26 -11.53 5.03 6.40
C LEU B 26 -10.57 4.77 7.55
N LEU B 27 -10.06 3.54 7.62
CA LEU B 27 -9.05 3.21 8.61
C LEU B 27 -7.64 3.19 8.04
N CYS B 28 -7.47 2.67 6.84
CA CYS B 28 -6.15 2.42 6.31
C CYS B 28 -6.28 2.00 4.86
N GLY B 29 -5.12 1.97 4.19
CA GLY B 29 -4.99 1.26 2.95
C GLY B 29 -4.58 -0.17 3.16
N ALA B 30 -4.52 -0.90 2.06
CA ALA B 30 -4.20 -2.33 2.02
C ALA B 30 -4.07 -2.71 0.55
N SER B 31 -3.72 -3.97 0.29
CA SER B 31 -3.55 -4.43 -1.08
C SER B 31 -4.03 -5.86 -1.25
N LEU B 32 -4.47 -6.15 -2.47
CA LEU B 32 -4.98 -7.47 -2.83
C LEU B 32 -3.84 -8.30 -3.42
N ILE B 33 -3.53 -9.44 -2.79
CA ILE B 33 -2.45 -10.30 -3.27
C ILE B 33 -2.93 -11.63 -3.82
N SER B 34 -4.22 -11.96 -3.64
CA SER B 34 -4.85 -13.11 -4.29
C SER B 34 -6.35 -12.90 -4.13
N ASP B 35 -7.14 -13.88 -4.60
CA ASP B 35 -8.59 -13.69 -4.48
C ASP B 35 -9.11 -13.82 -3.05
N ARG B 36 -8.27 -14.22 -2.08
CA ARG B 36 -8.73 -14.40 -0.71
C ARG B 36 -7.86 -13.67 0.32
N TRP B 37 -6.78 -13.01 -0.08
CA TRP B 37 -5.81 -12.48 0.87
C TRP B 37 -5.52 -11.01 0.61
N VAL B 38 -5.51 -10.23 1.67
CA VAL B 38 -5.25 -8.79 1.65
C VAL B 38 -4.09 -8.52 2.60
N LEU B 39 -3.13 -7.72 2.13
CA LEU B 39 -1.95 -7.35 2.89
C LEU B 39 -2.10 -5.92 3.40
N THR B 40 -1.69 -5.66 4.64
CA THR B 40 -1.73 -4.33 5.22
C THR B 40 -0.63 -4.21 6.27
N ALA B 41 -0.59 -3.06 6.94
CA ALA B 41 0.33 -2.82 8.05
C ALA B 41 -0.30 -3.32 9.33
N ALA B 42 0.53 -3.92 10.19
CA ALA B 42 0.06 -4.37 11.50
C ALA B 42 -0.53 -3.21 12.31
N HIS B 43 0.06 -2.01 12.22
CA HIS B 43 -0.43 -0.91 13.05
C HIS B 43 -1.84 -0.46 12.65
N CYS B 44 -2.31 -0.84 11.45
CA CYS B 44 -3.70 -0.56 11.06
C CYS B 44 -4.69 -1.38 11.87
N LEU B 45 -4.25 -2.49 12.46
CA LEU B 45 -5.11 -3.38 13.21
C LEU B 45 -4.81 -3.41 14.70
N LEU B 46 -3.56 -3.19 15.09
CA LEU B 46 -3.12 -3.36 16.46
C LEU B 46 -2.13 -2.24 16.78
N TYR B 47 -2.52 -1.33 17.67
CA TYR B 47 -1.62 -0.28 18.12
C TYR B 47 -2.06 0.12 19.53
N PRO B 48 -1.55 -0.58 20.56
CA PRO B 48 -2.04 -0.38 21.93
C PRO B 48 -1.85 1.03 22.46
N PRO B 49 -0.83 1.77 22.03
CA PRO B 49 -0.71 3.15 22.54
C PRO B 49 -1.93 4.00 22.25
N TRP B 50 -2.67 3.68 21.19
CA TRP B 50 -3.89 4.39 20.81
C TRP B 50 -5.14 3.57 21.09
N ASP B 51 -5.02 2.53 21.90
CA ASP B 51 -6.16 1.68 22.26
C ASP B 51 -6.80 1.07 21.03
N LYS B 52 -5.97 0.71 20.06
CA LYS B 52 -6.44 0.12 18.81
C LYS B 52 -6.14 -1.37 18.81
N ASN B 53 -7.20 -2.19 18.73
CA ASN B 53 -7.06 -3.64 18.65
C ASN B 53 -8.31 -4.20 17.97
N PHE B 54 -8.38 -4.07 16.65
CA PHE B 54 -9.58 -4.44 15.92
C PHE B 54 -9.70 -5.96 15.84
N THR B 55 -10.95 -6.41 15.84
CA THR B 55 -11.28 -7.80 15.55
C THR B 55 -11.91 -7.87 14.16
N GLU B 56 -12.02 -9.08 13.64
CA GLU B 56 -12.51 -9.26 12.28
C GLU B 56 -13.85 -8.58 12.06
N ASN B 57 -14.77 -8.71 13.01
CA ASN B 57 -16.12 -8.20 12.80
C ASN B 57 -16.19 -6.69 12.86
N ASP B 58 -15.12 -6.00 13.26
CA ASP B 58 -15.15 -4.55 13.31
C ASP B 58 -14.99 -3.92 11.93
N LEU B 59 -14.54 -4.70 10.94
CA LEU B 59 -13.94 -4.15 9.73
C LEU B 59 -14.56 -4.74 8.47
N LEU B 60 -14.49 -3.97 7.40
CA LEU B 60 -14.72 -4.47 6.06
C LEU B 60 -13.55 -4.05 5.18
N VAL B 61 -13.39 -4.73 4.05
CA VAL B 61 -12.46 -4.25 3.02
C VAL B 61 -13.29 -3.94 1.77
N ARG B 62 -12.92 -2.85 1.11
CA ARG B 62 -13.60 -2.38 -0.09
C ARG B 62 -12.57 -2.37 -1.21
N ILE B 63 -12.86 -3.09 -2.29
CA ILE B 63 -11.90 -3.42 -3.34
C ILE B 63 -12.45 -2.90 -4.64
N GLY B 64 -11.59 -2.40 -5.51
CA GLY B 64 -12.03 -1.88 -6.80
C GLY B 64 -12.41 -0.43 -6.78
N LYS B 65 -12.07 0.30 -5.70
CA LYS B 65 -12.56 1.65 -5.52
C LYS B 65 -11.70 2.70 -6.22
N HIS B 66 -12.33 3.83 -6.48
CA HIS B 66 -11.69 5.01 -7.00
C HIS B 66 -12.08 6.20 -6.15
N SER B 67 -13.37 6.50 -6.13
CA SER B 67 -13.87 7.52 -5.22
C SER B 67 -13.63 7.12 -3.77
N ARG B 68 -13.24 8.11 -2.95
CA ARG B 68 -13.05 7.85 -1.53
C ARG B 68 -14.37 7.55 -0.84
N THR B 69 -15.38 8.42 -1.01
CA THR B 69 -16.55 8.39 -0.14
C THR B 69 -17.77 7.74 -0.76
N ARG B 70 -17.82 7.58 -2.08
N ARG B 70 -17.83 7.58 -2.07
CA ARG B 70 -18.99 7.06 -2.77
CA ARG B 70 -19.08 7.12 -2.67
C ARG B 70 -19.09 5.56 -2.62
C ARG B 70 -19.11 5.60 -2.73
N TYR B 71 -20.32 5.05 -2.63
CA TYR B 71 -20.55 3.63 -2.85
C TYR B 71 -20.56 3.42 -4.37
N GLU B 72 -19.51 2.79 -4.89
CA GLU B 72 -19.30 2.70 -6.34
C GLU B 72 -20.00 1.46 -6.85
N ARG B 73 -21.32 1.60 -6.97
CA ARG B 73 -22.21 0.54 -7.40
C ARG B 73 -21.74 -0.07 -8.72
N ASN B 74 -21.72 -1.40 -8.76
CA ASN B 74 -21.38 -2.23 -9.92
C ASN B 74 -19.89 -2.26 -10.20
N ILE B 75 -19.07 -1.66 -9.35
CA ILE B 75 -17.62 -1.57 -9.55
C ILE B 75 -16.89 -2.11 -8.34
N GLU B 76 -17.09 -1.47 -7.20
CA GLU B 76 -16.41 -1.95 -6.00
C GLU B 76 -17.08 -3.21 -5.48
N LYS B 77 -16.30 -3.97 -4.72
CA LYS B 77 -16.79 -5.13 -4.01
C LYS B 77 -16.38 -5.01 -2.55
N ILE B 78 -17.30 -5.36 -1.67
CA ILE B 78 -17.11 -5.24 -0.23
C ILE B 78 -17.05 -6.65 0.34
N SER B 79 -15.98 -6.94 1.09
CA SER B 79 -15.73 -8.27 1.61
C SER B 79 -15.62 -8.22 3.12
N MET B 80 -16.09 -9.27 3.77
CA MET B 80 -15.94 -9.45 5.19
C MET B 80 -14.66 -10.25 5.47
N LEU B 81 -14.17 -10.10 6.69
CA LEU B 81 -12.92 -10.73 7.11
C LEU B 81 -13.20 -12.05 7.82
N GLU B 82 -12.51 -13.09 7.38
CA GLU B 82 -12.52 -14.35 8.10
C GLU B 82 -11.52 -14.35 9.25
N LYS B 83 -10.30 -13.88 9.01
CA LYS B 83 -9.28 -13.93 10.04
C LYS B 83 -8.20 -12.89 9.78
N ILE B 84 -7.71 -12.29 10.86
CA ILE B 84 -6.57 -11.39 10.87
C ILE B 84 -5.35 -12.15 11.38
N TYR B 85 -4.19 -11.94 10.75
CA TYR B 85 -2.91 -12.49 11.18
C TYR B 85 -1.88 -11.39 11.25
N ILE B 86 -1.33 -11.15 12.43
CA ILE B 86 -0.33 -10.11 12.64
C ILE B 86 1.02 -10.78 12.85
N HIS B 87 2.06 -10.17 12.32
CA HIS B 87 3.37 -10.76 12.49
C HIS B 87 3.65 -10.95 13.98
N PRO B 88 4.12 -12.12 14.42
CA PRO B 88 4.30 -12.36 15.86
C PRO B 88 5.39 -11.52 16.50
N ARG B 89 6.30 -10.96 15.71
CA ARG B 89 7.35 -10.10 16.23
C ARG B 89 7.17 -8.65 15.80
N TYR B 90 5.96 -8.27 15.43
CA TYR B 90 5.63 -6.86 15.20
C TYR B 90 5.93 -6.05 16.46
N ASN B 91 6.75 -5.03 16.32
CA ASN B 91 7.23 -4.26 17.47
C ASN B 91 6.49 -2.94 17.55
N TRP B 92 5.30 -2.98 18.17
CA TRP B 92 4.51 -1.78 18.33
C TRP B 92 5.04 -0.92 19.47
N ARG B 93 5.86 -1.49 20.34
N ARG B 93 5.89 -1.49 20.32
CA ARG B 93 6.35 -0.72 21.49
CA ARG B 93 6.38 -0.78 21.51
C ARG B 93 7.33 0.35 21.05
C ARG B 93 7.44 0.25 21.19
N GLU B 94 8.25 0.02 20.14
CA GLU B 94 9.41 0.85 19.85
C GLU B 94 9.29 1.59 18.53
N ASN B 95 9.31 0.87 17.40
CA ASN B 95 9.55 1.51 16.12
C ASN B 95 8.77 0.87 14.97
N LEU B 96 7.73 0.09 15.26
CA LEU B 96 6.93 -0.58 14.23
C LEU B 96 7.77 -1.55 13.38
N ASP B 97 8.82 -2.13 13.95
CA ASP B 97 9.55 -3.16 13.24
C ASP B 97 8.58 -4.29 12.88
N ARG B 98 8.70 -4.79 11.66
CA ARG B 98 7.89 -5.90 11.16
C ARG B 98 6.41 -5.52 11.10
N ASP B 99 6.15 -4.36 10.50
CA ASP B 99 4.81 -3.77 10.45
C ASP B 99 4.03 -4.39 9.29
N ILE B 100 3.51 -5.59 9.54
CA ILE B 100 2.87 -6.36 8.48
C ILE B 100 1.77 -7.23 9.07
N ALA B 101 0.66 -7.34 8.33
CA ALA B 101 -0.46 -8.17 8.71
C ALA B 101 -1.17 -8.65 7.46
N LEU B 102 -1.83 -9.80 7.59
CA LEU B 102 -2.63 -10.38 6.52
C LEU B 102 -4.06 -10.49 6.98
N MET B 103 -4.99 -10.37 6.03
CA MET B 103 -6.40 -10.58 6.29
C MET B 103 -6.92 -11.57 5.25
N LYS B 104 -7.52 -12.65 5.73
CA LYS B 104 -8.18 -13.61 4.86
C LYS B 104 -9.66 -13.25 4.73
N LEU B 105 -10.15 -13.21 3.51
CA LEU B 105 -11.54 -12.86 3.25
C LEU B 105 -12.45 -14.06 3.44
N LYS B 106 -13.69 -13.78 3.83
CA LYS B 106 -14.65 -14.87 4.03
C LYS B 106 -14.95 -15.62 2.73
N LYS B 107 -14.97 -14.91 1.61
CA LYS B 107 -15.28 -15.49 0.31
C LYS B 107 -14.31 -14.90 -0.70
N PRO B 108 -13.97 -15.63 -1.75
CA PRO B 108 -13.08 -15.07 -2.77
C PRO B 108 -13.75 -13.90 -3.50
N VAL B 109 -12.93 -12.91 -3.85
CA VAL B 109 -13.41 -11.75 -4.60
C VAL B 109 -13.21 -12.02 -6.09
N ALA B 110 -14.21 -11.63 -6.88
CA ALA B 110 -14.13 -11.80 -8.32
C ALA B 110 -13.25 -10.70 -8.91
N PHE B 111 -12.27 -11.10 -9.72
CA PHE B 111 -11.44 -10.11 -10.39
C PHE B 111 -12.24 -9.46 -11.52
N SER B 112 -11.80 -8.28 -11.92
CA SER B 112 -12.48 -7.47 -12.93
C SER B 112 -11.48 -6.47 -13.50
N ASP B 113 -11.96 -5.55 -14.35
CA ASP B 113 -11.08 -4.50 -14.84
C ASP B 113 -10.53 -3.65 -13.71
N TYR B 114 -11.23 -3.63 -12.56
CA TYR B 114 -10.94 -2.74 -11.43
C TYR B 114 -10.33 -3.46 -10.24
N ILE B 115 -10.27 -4.79 -10.28
CA ILE B 115 -9.91 -5.63 -9.14
C ILE B 115 -8.94 -6.67 -9.66
N HIS B 116 -7.68 -6.62 -9.22
CA HIS B 116 -6.68 -7.52 -9.75
C HIS B 116 -5.50 -7.54 -8.79
N PRO B 117 -4.89 -8.69 -8.51
CA PRO B 117 -3.82 -8.75 -7.50
C PRO B 117 -2.47 -8.26 -7.99
N VAL B 118 -1.70 -7.73 -7.03
CA VAL B 118 -0.31 -7.33 -7.24
C VAL B 118 0.59 -8.53 -6.96
N CYS B 119 1.79 -8.54 -7.56
CA CYS B 119 2.75 -9.59 -7.25
C CYS B 119 3.55 -9.26 -6.01
N LEU B 120 3.99 -10.30 -5.31
CA LEU B 120 4.97 -10.10 -4.26
C LEU B 120 6.36 -10.42 -4.78
N PRO B 121 7.38 -9.70 -4.34
CA PRO B 121 8.72 -9.88 -4.91
C PRO B 121 9.36 -11.18 -4.49
N ASP B 122 10.17 -11.69 -5.41
N ASP B 122 10.18 -11.73 -5.36
CA ASP B 122 11.17 -12.72 -5.18
CA ASP B 122 11.11 -12.74 -4.90
C ASP B 122 12.48 -12.07 -4.71
C ASP B 122 12.47 -12.09 -4.69
N ARG B 123 13.43 -12.90 -4.27
CA ARG B 123 14.72 -12.36 -3.86
C ARG B 123 15.38 -11.59 -5.00
N GLU B 124 15.28 -12.12 -6.22
CA GLU B 124 15.95 -11.49 -7.36
C GLU B 124 15.30 -10.17 -7.72
N THR B 125 13.98 -10.09 -7.67
N THR B 125 13.96 -10.12 -7.71
CA THR B 125 13.33 -8.82 -7.98
CA THR B 125 13.26 -8.84 -7.92
C THR B 125 13.63 -7.77 -6.90
C THR B 125 13.74 -7.82 -6.90
N ALA B 126 13.73 -8.19 -5.63
CA ALA B 126 14.08 -7.25 -4.58
C ALA B 126 15.50 -6.75 -4.78
N ALA B 127 16.43 -7.66 -5.06
CA ALA B 127 17.81 -7.25 -5.24
C ALA B 127 17.95 -6.29 -6.40
N SER B 128 17.23 -6.55 -7.49
CA SER B 128 17.34 -5.72 -8.69
C SER B 128 16.73 -4.34 -8.49
N LEU B 129 15.61 -4.26 -7.78
CA LEU B 129 14.84 -3.01 -7.77
C LEU B 129 14.96 -2.19 -6.51
N LEU B 130 15.29 -2.79 -5.38
CA LEU B 130 15.31 -2.03 -4.12
C LEU B 130 16.67 -1.37 -3.95
N GLN B 131 16.86 -0.28 -4.69
CA GLN B 131 18.12 0.42 -4.80
C GLN B 131 17.86 1.90 -4.68
N ALA B 132 18.77 2.62 -4.01
CA ALA B 132 18.60 4.05 -3.83
C ALA B 132 18.48 4.72 -5.20
N GLY B 133 17.56 5.67 -5.32
CA GLY B 133 17.28 6.36 -6.55
C GLY B 133 16.19 5.75 -7.39
N TYR B 134 15.99 4.44 -7.29
CA TYR B 134 14.91 3.80 -8.03
C TYR B 134 13.58 4.24 -7.42
N LYS B 135 12.60 4.54 -8.26
CA LYS B 135 11.32 5.06 -7.81
C LYS B 135 10.26 3.97 -7.72
N GLY B 136 9.44 4.07 -6.67
CA GLY B 136 8.21 3.32 -6.56
C GLY B 136 7.03 4.26 -6.49
N ARG B 137 5.87 3.66 -6.33
CA ARG B 137 4.61 4.38 -6.40
C ARG B 137 3.78 4.06 -5.17
N VAL B 138 3.24 5.10 -4.56
CA VAL B 138 2.40 4.99 -3.37
C VAL B 138 1.02 5.54 -3.71
N THR B 139 -0.01 4.85 -3.23
CA THR B 139 -1.38 5.22 -3.53
C THR B 139 -2.21 5.19 -2.26
N GLY B 140 -3.23 6.04 -2.18
CA GLY B 140 -4.12 5.99 -1.05
C GLY B 140 -5.11 7.13 -1.04
N TRP B 141 -6.02 7.03 -0.07
CA TRP B 141 -7.10 8.00 0.14
C TRP B 141 -6.85 8.86 1.37
N GLY B 142 -5.63 8.87 1.90
CA GLY B 142 -5.34 9.63 3.10
C GLY B 142 -5.24 11.12 2.85
N ASN B 143 -4.87 11.83 3.90
CA ASN B 143 -4.94 13.27 3.87
C ASN B 143 -4.01 13.87 2.82
N LEU B 144 -4.43 14.99 2.25
CA LEU B 144 -3.65 15.72 1.26
C LEU B 144 -2.59 16.60 1.87
N LYS B 145 -2.66 16.84 3.18
CA LYS B 145 -1.69 17.69 3.88
C LYS B 145 -1.61 17.20 5.32
N GLU B 146 -0.46 17.44 5.95
CA GLU B 146 -0.29 17.03 7.33
C GLU B 146 -1.35 17.66 8.23
N THR B 147 -1.62 18.93 8.02
CA THR B 147 -2.59 19.67 8.82
C THR B 147 -3.50 20.45 7.86
N GLY B 155 -8.08 19.20 2.17
CA GLY B 155 -7.90 18.28 3.29
C GLY B 155 -7.88 16.81 2.90
N GLN B 156 -9.01 16.32 2.38
CA GLN B 156 -9.15 14.92 2.01
C GLN B 156 -9.58 14.79 0.56
N PRO B 157 -9.15 13.74 -0.14
CA PRO B 157 -9.38 13.68 -1.59
C PRO B 157 -10.73 13.10 -2.00
N SER B 158 -11.21 13.55 -3.17
N SER B 158 -11.18 13.52 -3.19
CA SER B 158 -12.39 12.94 -3.76
CA SER B 158 -12.40 12.95 -3.75
C SER B 158 -12.09 11.53 -4.24
C SER B 158 -12.15 11.59 -4.41
N VAL B 159 -10.92 11.34 -4.87
CA VAL B 159 -10.56 10.05 -5.47
C VAL B 159 -9.15 9.64 -5.07
N LEU B 160 -8.86 8.38 -5.33
CA LEU B 160 -7.56 7.79 -5.01
C LEU B 160 -6.43 8.65 -5.57
N GLN B 161 -5.40 8.85 -4.74
CA GLN B 161 -4.25 9.66 -5.09
C GLN B 161 -3.03 8.78 -5.31
N VAL B 162 -2.10 9.27 -6.14
N VAL B 162 -2.12 9.28 -6.14
CA VAL B 162 -0.91 8.51 -6.53
CA VAL B 162 -0.91 8.57 -6.54
C VAL B 162 0.29 9.46 -6.55
C VAL B 162 0.27 9.52 -6.41
N VAL B 163 1.43 8.97 -6.05
CA VAL B 163 2.68 9.71 -6.11
C VAL B 163 3.83 8.71 -6.32
N ASN B 164 4.81 9.10 -7.12
CA ASN B 164 6.00 8.30 -7.35
C ASN B 164 7.14 8.92 -6.53
N LEU B 165 7.90 8.08 -5.83
CA LEU B 165 8.92 8.56 -4.90
C LEU B 165 10.16 7.69 -4.98
N PRO B 166 11.35 8.30 -4.90
CA PRO B 166 12.59 7.52 -4.96
C PRO B 166 12.97 6.89 -3.63
N ILE B 167 13.48 5.66 -3.72
CA ILE B 167 14.09 5.00 -2.57
C ILE B 167 15.33 5.79 -2.16
N VAL B 168 15.55 5.90 -0.85
CA VAL B 168 16.63 6.71 -0.30
C VAL B 168 17.70 5.79 0.30
N GLU B 169 18.95 6.23 0.20
CA GLU B 169 20.08 5.52 0.79
C GLU B 169 19.87 5.29 2.27
N ARG B 170 20.19 4.09 2.75
CA ARG B 170 19.94 3.75 4.15
C ARG B 170 20.60 4.72 5.14
N PRO B 171 21.84 5.17 4.94
CA PRO B 171 22.41 6.13 5.91
C PRO B 171 21.62 7.42 5.98
N VAL B 172 21.09 7.89 4.85
CA VAL B 172 20.27 9.10 4.85
C VAL B 172 18.97 8.87 5.60
N CYS B 173 18.33 7.71 5.39
CA CYS B 173 17.14 7.37 6.16
C CYS B 173 17.46 7.42 7.65
N LYS B 174 18.53 6.77 8.06
CA LYS B 174 18.87 6.70 9.48
C LYS B 174 19.16 8.09 10.03
N ASP B 175 19.85 8.92 9.26
CA ASP B 175 20.29 10.23 9.74
C ASP B 175 19.17 11.25 9.77
N SER B 176 17.98 10.89 9.27
CA SER B 176 16.84 11.78 9.24
C SER B 176 15.98 11.70 10.49
N THR B 177 16.28 10.79 11.41
CA THR B 177 15.38 10.48 12.51
C THR B 177 16.19 10.03 13.71
N ARG B 178 15.59 10.14 14.89
CA ARG B 178 16.12 9.54 16.11
C ARG B 178 15.60 8.14 16.34
N ILE B 179 14.62 7.68 15.57
CA ILE B 179 14.08 6.33 15.72
C ILE B 179 15.09 5.33 15.17
N ARG B 180 15.19 4.17 15.82
CA ARG B 180 16.04 3.09 15.34
C ARG B 180 15.43 2.44 14.09
N ILE B 181 16.15 2.48 12.98
CA ILE B 181 15.68 1.94 11.70
C ILE B 181 16.26 0.54 11.53
N THR B 182 15.44 -0.42 11.17
CA THR B 182 15.86 -1.80 11.03
C THR B 182 15.93 -2.21 9.56
N ASP B 183 16.52 -3.39 9.34
CA ASP B 183 16.60 -3.97 8.01
C ASP B 183 15.22 -4.35 7.46
N ASN B 184 14.20 -4.36 8.30
CA ASN B 184 12.84 -4.65 7.84
C ASN B 184 12.09 -3.40 7.37
N MET B 185 12.79 -2.29 7.24
CA MET B 185 12.24 -1.02 6.79
C MET B 185 13.12 -0.49 5.69
N PHE B 186 12.51 0.27 4.78
CA PHE B 186 13.27 1.15 3.91
C PHE B 186 12.57 2.51 3.91
N CYS B 187 13.23 3.55 3.41
CA CYS B 187 12.59 4.85 3.33
C CYS B 187 12.64 5.38 1.90
N ALA B 188 11.72 6.29 1.63
CA ALA B 188 11.58 6.86 0.29
C ALA B 188 11.05 8.27 0.41
N GLY B 189 11.36 9.06 -0.61
CA GLY B 189 10.96 10.45 -0.68
C GLY B 189 12.07 11.30 -1.27
N TYR B 190 11.76 12.53 -1.64
CA TYR B 190 12.75 13.44 -2.18
C TYR B 190 13.51 14.15 -1.05
N LYS B 191 14.76 14.44 -1.32
CA LYS B 191 15.58 15.23 -0.41
C LYS B 191 15.25 16.72 -0.56
N PRO B 192 15.57 17.53 0.45
CA PRO B 192 15.26 18.97 0.35
C PRO B 192 15.80 19.62 -0.92
N ASP B 193 17.01 19.27 -1.35
CA ASP B 193 17.63 19.90 -2.51
C ASP B 193 17.10 19.38 -3.84
N GLU B 194 16.25 18.34 -3.82
CA GLU B 194 15.79 17.74 -5.06
C GLU B 194 14.59 18.46 -5.66
N GLY B 195 13.99 19.41 -4.94
CA GLY B 195 12.92 20.21 -5.51
C GLY B 195 11.56 19.57 -5.42
N LYS B 196 11.42 18.39 -6.02
CA LYS B 196 10.16 17.68 -6.03
C LYS B 196 9.77 17.25 -4.60
N ARG B 197 8.49 16.96 -4.42
CA ARG B 197 7.93 16.67 -3.11
C ARG B 197 7.00 15.48 -3.19
N GLY B 198 6.42 15.11 -2.07
CA GLY B 198 5.42 14.05 -2.01
C GLY B 198 5.66 13.09 -0.86
N ASP B 199 4.56 12.55 -0.32
CA ASP B 199 4.65 11.62 0.80
C ASP B 199 3.30 10.97 1.00
N ALA B 200 3.31 9.87 1.73
CA ALA B 200 2.09 9.35 2.32
C ALA B 200 1.67 10.26 3.47
N CYS B 201 0.43 10.07 3.92
CA CYS B 201 -0.06 10.81 5.07
C CYS B 201 -1.09 9.97 5.80
N GLU B 202 -1.65 10.53 6.88
CA GLU B 202 -2.63 9.80 7.68
C GLU B 202 -3.78 9.32 6.80
N GLY B 203 -4.10 8.03 6.92
CA GLY B 203 -5.09 7.37 6.10
C GLY B 203 -4.50 6.54 4.98
N ASP B 204 -3.24 6.79 4.61
CA ASP B 204 -2.57 6.00 3.59
C ASP B 204 -1.83 4.80 4.14
N SER B 205 -1.59 4.76 5.44
CA SER B 205 -0.76 3.68 5.94
C SER B 205 -1.47 2.35 5.73
N GLY B 206 -0.67 1.31 5.59
CA GLY B 206 -1.13 0.01 5.19
C GLY B 206 -1.20 -0.22 3.71
N GLY B 207 -1.20 0.84 2.91
CA GLY B 207 -1.28 0.70 1.47
C GLY B 207 0.07 0.37 0.87
N PRO B 208 0.06 0.15 -0.44
CA PRO B 208 1.25 -0.41 -1.11
C PRO B 208 2.21 0.63 -1.68
N PHE B 209 3.50 0.25 -1.64
CA PHE B 209 4.58 0.88 -2.40
C PHE B 209 4.96 -0.13 -3.48
N VAL B 210 4.70 0.21 -4.75
CA VAL B 210 4.84 -0.74 -5.84
C VAL B 210 5.90 -0.26 -6.82
N MET B 211 6.49 -1.22 -7.54
CA MET B 211 7.46 -0.94 -8.57
C MET B 211 7.11 -1.80 -9.78
N LYS B 212 7.33 -1.28 -10.98
CA LYS B 212 7.04 -2.03 -12.20
C LYS B 212 8.36 -2.61 -12.71
N SER B 213 8.48 -3.92 -12.68
CA SER B 213 9.72 -4.55 -13.09
C SER B 213 9.98 -4.26 -14.56
N PRO B 214 11.18 -3.78 -14.93
CA PRO B 214 11.49 -3.61 -16.35
C PRO B 214 11.92 -4.91 -17.02
N PHE B 215 12.05 -5.98 -16.24
CA PHE B 215 12.41 -7.29 -16.76
C PHE B 215 11.21 -8.04 -17.30
N ASN B 216 10.06 -7.98 -16.60
CA ASN B 216 8.88 -8.75 -17.01
C ASN B 216 7.60 -7.91 -17.08
N ASN B 217 7.70 -6.60 -16.85
CA ASN B 217 6.61 -5.67 -17.03
C ASN B 217 5.44 -5.90 -16.07
N ARG B 218 5.72 -6.50 -14.91
CA ARG B 218 4.73 -6.73 -13.87
C ARG B 218 4.98 -5.82 -12.68
N TRP B 219 3.90 -5.45 -12.01
CA TRP B 219 3.97 -4.68 -10.79
C TRP B 219 4.16 -5.57 -9.57
N TYR B 220 5.11 -5.17 -8.72
CA TYR B 220 5.46 -5.86 -7.49
C TYR B 220 5.28 -4.92 -6.30
N GLN B 221 4.73 -5.45 -5.21
CA GLN B 221 4.63 -4.66 -3.98
C GLN B 221 5.90 -4.85 -3.17
N MET B 222 6.75 -3.83 -3.15
CA MET B 222 8.00 -3.87 -2.42
C MET B 222 7.86 -3.37 -0.99
N GLY B 223 6.88 -2.49 -0.73
CA GLY B 223 6.73 -1.90 0.58
C GLY B 223 5.28 -1.80 1.01
N ILE B 224 5.11 -1.57 2.31
CA ILE B 224 3.83 -1.24 2.91
C ILE B 224 4.03 0.10 3.60
N VAL B 225 3.15 1.07 3.35
CA VAL B 225 3.23 2.37 4.02
C VAL B 225 3.17 2.14 5.52
N SER B 226 4.24 2.49 6.23
CA SER B 226 4.36 2.18 7.65
C SER B 226 4.30 3.41 8.56
N TRP B 227 5.27 4.32 8.48
CA TRP B 227 5.25 5.46 9.38
C TRP B 227 6.09 6.60 8.81
N GLY B 228 5.82 7.80 9.33
CA GLY B 228 6.64 8.95 9.03
C GLY B 228 6.42 10.00 10.10
N GLU B 229 7.37 10.92 10.20
CA GLU B 229 7.29 12.01 11.17
C GLU B 229 6.64 13.20 10.48
N GLY B 230 5.33 13.34 10.66
CA GLY B 230 4.57 14.29 9.89
C GLY B 230 4.28 13.74 8.50
N CYS B 231 3.95 14.64 7.59
CA CYS B 231 3.77 14.29 6.19
C CYS B 231 4.47 15.32 5.31
N ASP B 232 5.30 14.84 4.40
CA ASP B 232 5.97 15.67 3.41
C ASP B 232 6.83 16.76 4.04
N ARG B 233 7.44 16.49 5.18
CA ARG B 233 8.32 17.48 5.80
C ARG B 233 9.70 17.45 5.14
N ASP B 234 10.27 18.63 4.92
CA ASP B 234 11.64 18.71 4.44
C ASP B 234 12.58 17.98 5.38
N GLY B 235 13.40 17.09 4.81
CA GLY B 235 14.40 16.37 5.56
C GLY B 235 13.88 15.15 6.27
N LYS B 236 12.59 14.87 6.19
CA LYS B 236 12.02 13.63 6.65
C LYS B 236 11.68 12.76 5.44
N TYR B 237 11.50 11.46 5.70
CA TYR B 237 11.18 10.48 4.67
C TYR B 237 10.05 9.60 5.16
N GLY B 238 9.36 8.97 4.22
CA GLY B 238 8.40 7.94 4.60
C GLY B 238 9.12 6.63 4.79
N PHE B 239 8.68 5.87 5.79
CA PHE B 239 9.20 4.54 6.08
C PHE B 239 8.19 3.47 5.70
N TYR B 240 8.71 2.40 5.11
CA TYR B 240 7.92 1.35 4.48
C TYR B 240 8.41 0.01 4.98
N THR B 241 7.46 -0.89 5.24
CA THR B 241 7.81 -2.26 5.57
C THR B 241 8.43 -2.93 4.36
N HIS B 242 9.57 -3.61 4.58
CA HIS B 242 10.31 -4.31 3.53
C HIS B 242 9.65 -5.65 3.28
N VAL B 243 8.77 -5.72 2.27
CA VAL B 243 7.91 -6.89 2.08
C VAL B 243 8.74 -8.15 1.84
N PHE B 244 9.75 -8.07 0.97
CA PHE B 244 10.51 -9.28 0.70
C PHE B 244 11.17 -9.84 1.97
N ARG B 245 11.68 -8.97 2.85
CA ARG B 245 12.34 -9.47 4.06
C ARG B 245 11.40 -10.24 4.96
N LEU B 246 10.08 -10.03 4.82
CA LEU B 246 9.07 -10.70 5.63
C LEU B 246 8.28 -11.72 4.84
N LYS B 247 8.76 -12.07 3.65
CA LYS B 247 7.97 -12.93 2.77
C LYS B 247 7.85 -14.35 3.30
N LYS B 248 8.87 -14.85 4.02
CA LYS B 248 8.76 -16.21 4.55
C LYS B 248 7.59 -16.30 5.54
N TRP B 249 7.36 -15.24 6.32
CA TRP B 249 6.19 -15.24 7.20
C TRP B 249 4.91 -15.20 6.39
N ILE B 250 4.85 -14.35 5.37
CA ILE B 250 3.66 -14.31 4.51
C ILE B 250 3.35 -15.71 3.99
N GLN B 251 4.36 -16.37 3.41
CA GLN B 251 4.13 -17.68 2.81
C GLN B 251 3.74 -18.70 3.87
N LYS B 252 4.36 -18.63 5.05
CA LYS B 252 3.98 -19.56 6.11
C LYS B 252 2.51 -19.44 6.46
N VAL B 253 2.01 -18.20 6.57
CA VAL B 253 0.62 -17.98 6.93
C VAL B 253 -0.30 -18.49 5.84
N ILE B 254 -0.04 -18.13 4.59
CA ILE B 254 -0.92 -18.53 3.51
C ILE B 254 -0.88 -20.05 3.34
N ASP B 255 0.30 -20.66 3.42
CA ASP B 255 0.39 -22.11 3.23
C ASP B 255 -0.33 -22.86 4.34
N GLN B 256 -0.40 -22.31 5.54
CA GLN B 256 -1.00 -23.05 6.65
C GLN B 256 -2.46 -22.69 6.93
N PHE B 257 -2.91 -21.52 6.46
CA PHE B 257 -4.29 -21.12 6.72
C PHE B 257 -5.09 -20.98 5.43
N ASP C 1 -18.84 11.39 6.28
CA ASP C 1 -19.22 11.87 4.95
C ASP C 1 -19.11 10.76 3.91
N PHE C 2 -19.17 9.52 4.36
CA PHE C 2 -19.21 8.38 3.47
C PHE C 2 -20.65 8.04 3.11
N GLU C 3 -20.87 7.76 1.83
CA GLU C 3 -22.18 7.30 1.38
C GLU C 3 -22.49 5.96 2.04
N GLU C 4 -23.76 5.76 2.39
CA GLU C 4 -24.16 4.52 3.02
C GLU C 4 -23.87 3.35 2.08
N ILE C 5 -23.44 2.23 2.67
CA ILE C 5 -23.20 1.01 1.90
C ILE C 5 -24.38 0.08 2.08
N PRO C 6 -24.61 -0.85 1.17
CA PRO C 6 -25.75 -1.78 1.31
C PRO C 6 -25.75 -2.48 2.66
N GLU C 7 -26.95 -2.62 3.23
CA GLU C 7 -27.07 -3.25 4.56
C GLU C 7 -26.57 -4.69 4.55
N GLU C 8 -26.58 -5.34 3.38
CA GLU C 8 -26.16 -6.74 3.31
C GLU C 8 -24.72 -6.94 3.78
N LEU C 10 -23.42 -5.34 6.27
CA LEU C 10 -23.34 -5.01 7.68
C LEU C 10 -24.27 -5.91 8.49
#